data_4CKR
#
_entry.id   4CKR
#
_cell.length_a   59.308
_cell.length_b   59.308
_cell.length_c   178.490
_cell.angle_alpha   90.00
_cell.angle_beta   90.00
_cell.angle_gamma   90.00
#
_symmetry.space_group_name_H-M   'P 41 21 2'
#
loop_
_entity.id
_entity.type
_entity.pdbx_description
1 polymer 'EPITHELIAL DISCOIDIN DOMAIN-CONTAINING RECEPTOR 1'
2 non-polymer 4-[(4-ethylpiperazin-1-yl)methyl]-n-{4-methyl-3-[(2-oxo-2,3-dihydro-1h-indol-5-yl)oxy]phenyl}-3-(trifluoromethyl)benzamide
3 non-polymer 1,2-ETHANEDIOL
4 water water
#
_entity_poly.entity_id   1
_entity_poly.type   'polypeptide(L)'
_entity_poly.pdbx_seq_one_letter_code
;SMPRVDFPRSRLRFKEKLGEGQFGEVHLCEVDSPQDLVSLDFPLNVRKGHPLLVAVKILRPDATKNARNDFLKEVKIMSR
LKDPNIIRLLGVCVQDDPLCMITDYMENGDLNQFLSAHQLEDKAAEGAPGDGQAAQGPTISYPMLLHVAAQIASGMRYLA
TLNFVHRDLATRNCLVGENFTIKIADFGMSRNLYAGDYYRVQGRAVLPIRWMAWECILMGKFTTASDVWAFGVTLWEVLM
LCRAQPFGQLTDEQVIENAGEFFRDQGRQVYLSRPPACPQGLYELMLRCWSRESEQRPPFSQLHRFLAEDALNTV
;
_entity_poly.pdbx_strand_id   A
#
# COMPACT_ATOMS: atom_id res chain seq x y z
N MET A 2 -11.03 19.23 -1.39
CA MET A 2 -10.13 20.02 -2.27
C MET A 2 -9.50 21.14 -1.46
N PRO A 3 -8.16 21.25 -1.50
CA PRO A 3 -7.46 22.42 -0.96
C PRO A 3 -7.96 23.72 -1.59
N ARG A 4 -7.97 24.80 -0.82
CA ARG A 4 -8.39 26.11 -1.34
C ARG A 4 -7.50 26.57 -2.50
N VAL A 5 -6.21 26.31 -2.39
CA VAL A 5 -5.20 26.93 -3.24
C VAL A 5 -4.30 25.85 -3.87
N ASP A 6 -3.92 26.05 -5.13
CA ASP A 6 -2.99 25.16 -5.79
C ASP A 6 -1.59 25.37 -5.22
N PHE A 7 -0.86 24.28 -5.10
CA PHE A 7 0.57 24.34 -5.00
C PHE A 7 1.05 24.96 -6.31
N PRO A 8 2.04 25.86 -6.27
CA PRO A 8 2.49 26.58 -7.48
C PRO A 8 3.45 25.73 -8.34
N ARG A 9 3.00 25.38 -9.55
CA ARG A 9 3.79 24.55 -10.48
C ARG A 9 5.13 25.14 -10.78
N SER A 10 5.22 26.48 -10.73
CA SER A 10 6.47 27.16 -11.07
C SER A 10 7.59 26.74 -10.13
N ARG A 11 7.23 26.23 -8.95
CA ARG A 11 8.22 25.78 -7.97
C ARG A 11 8.70 24.34 -8.12
N LEU A 12 8.15 23.60 -9.06
CA LEU A 12 8.53 22.18 -9.17
C LEU A 12 9.64 22.06 -10.19
N ARG A 13 10.81 21.65 -9.71
CA ARG A 13 11.96 21.40 -10.55
C ARG A 13 11.98 19.91 -10.93
N PHE A 14 11.87 19.63 -12.21
CA PHE A 14 11.82 18.25 -12.73
C PHE A 14 13.16 17.54 -12.49
N LYS A 15 13.10 16.37 -11.85
CA LYS A 15 14.30 15.53 -11.68
C LYS A 15 14.24 14.30 -12.56
N GLU A 16 13.09 13.66 -12.60
CA GLU A 16 13.04 12.33 -13.19
C GLU A 16 11.63 11.80 -13.26
N LYS A 17 11.35 11.07 -14.32
CA LYS A 17 10.09 10.37 -14.46
C LYS A 17 10.18 9.06 -13.67
N LEU A 18 9.29 8.85 -12.72
CA LEU A 18 9.32 7.65 -11.87
C LEU A 18 8.53 6.50 -12.48
N GLY A 19 7.48 6.84 -13.22
CA GLY A 19 6.70 5.83 -13.88
C GLY A 19 5.47 6.40 -14.53
N GLU A 20 4.56 5.48 -14.84
CA GLU A 20 3.55 5.73 -15.80
C GLU A 20 2.46 4.72 -15.64
N GLY A 21 1.23 5.12 -15.89
CA GLY A 21 0.13 4.17 -16.08
C GLY A 21 -0.84 4.66 -17.13
N GLN A 22 -2.00 4.00 -17.18
CA GLN A 22 -3.10 4.41 -18.06
C GLN A 22 -3.49 5.87 -17.84
N PHE A 23 -3.50 6.30 -16.57
CA PHE A 23 -3.85 7.68 -16.18
C PHE A 23 -2.92 8.78 -16.74
N GLY A 24 -1.63 8.49 -16.87
CA GLY A 24 -0.63 9.53 -17.07
C GLY A 24 0.70 9.07 -16.46
N GLU A 25 1.32 9.91 -15.64
CA GLU A 25 2.65 9.60 -15.14
C GLU A 25 2.99 10.20 -13.77
N VAL A 26 4.09 9.72 -13.21
CA VAL A 26 4.60 10.19 -11.94
C VAL A 26 6.02 10.71 -12.15
N HIS A 27 6.29 11.92 -11.64
CA HIS A 27 7.61 12.52 -11.67
C HIS A 27 8.17 12.78 -10.28
N LEU A 28 9.48 12.64 -10.14
CA LEU A 28 10.20 13.16 -9.01
C LEU A 28 10.56 14.62 -9.28
N CYS A 29 10.11 15.53 -8.42
CA CYS A 29 10.48 16.94 -8.52
C CYS A 29 11.16 17.42 -7.24
N GLU A 30 11.91 18.52 -7.36
CA GLU A 30 12.46 19.23 -6.22
C GLU A 30 11.71 20.54 -6.09
N VAL A 31 11.41 20.95 -4.86
CA VAL A 31 10.71 22.20 -4.63
C VAL A 31 11.73 23.33 -4.58
N ASP A 32 11.56 24.30 -5.47
CA ASP A 32 12.46 25.43 -5.58
C ASP A 32 12.24 26.37 -4.39
N SER A 33 13.32 26.70 -3.69
CA SER A 33 13.33 27.62 -2.54
C SER A 33 12.14 27.40 -1.59
N PRO A 34 12.10 26.21 -1.00
CA PRO A 34 10.93 25.77 -0.23
C PRO A 34 10.67 26.62 1.04
N GLN A 35 11.70 27.22 1.61
CA GLN A 35 11.55 28.06 2.79
C GLN A 35 10.58 29.23 2.59
N ASP A 36 10.54 29.77 1.38
CA ASP A 36 9.55 30.81 1.02
C ASP A 36 8.10 30.30 0.98
N LEU A 37 7.89 29.02 0.71
CA LEU A 37 6.53 28.43 0.63
C LEU A 37 5.98 27.96 1.96
N VAL A 38 6.88 27.74 2.92
CA VAL A 38 6.51 27.24 4.23
C VAL A 38 5.40 28.11 4.85
N SER A 39 4.21 27.53 4.93
CA SER A 39 3.04 28.15 5.54
C SER A 39 2.12 27.08 6.16
N LEU A 40 1.07 27.55 6.82
CA LEU A 40 0.03 26.67 7.35
C LEU A 40 -0.63 25.83 6.25
N ASP A 41 -0.79 26.41 5.07
CA ASP A 41 -1.42 25.73 3.92
C ASP A 41 -0.50 24.71 3.24
N PHE A 42 0.80 24.99 3.23
CA PHE A 42 1.82 24.02 2.80
C PHE A 42 2.85 23.88 3.92
N PRO A 43 2.54 23.04 4.92
CA PRO A 43 3.55 22.80 5.94
C PRO A 43 4.53 21.79 5.37
N LEU A 44 5.70 22.28 4.99
CA LEU A 44 6.74 21.45 4.37
C LEU A 44 7.87 21.31 5.36
N ASN A 45 8.54 20.16 5.34
CA ASN A 45 9.68 19.90 6.22
C ASN A 45 10.95 20.30 5.49
N VAL A 46 11.42 21.51 5.73
CA VAL A 46 12.56 22.04 5.00
C VAL A 46 13.83 21.74 5.79
N ARG A 47 14.87 21.35 5.07
CA ARG A 47 16.17 21.09 5.65
C ARG A 47 17.20 21.90 4.88
N LYS A 48 17.67 22.98 5.51
CA LYS A 48 18.59 23.91 4.87
C LYS A 48 19.76 23.11 4.29
N GLY A 49 20.11 23.40 3.05
CA GLY A 49 21.24 22.74 2.40
C GLY A 49 20.90 21.46 1.66
N HIS A 50 19.65 21.00 1.74
CA HIS A 50 19.24 19.73 1.12
C HIS A 50 17.95 19.87 0.32
N PRO A 51 17.88 19.21 -0.85
CA PRO A 51 16.67 19.31 -1.68
C PRO A 51 15.43 18.72 -1.00
N LEU A 52 14.33 19.46 -1.05
CA LEU A 52 13.02 18.92 -0.70
C LEU A 52 12.44 18.23 -1.93
N LEU A 53 12.33 16.91 -1.86
CA LEU A 53 11.90 16.07 -2.96
C LEU A 53 10.44 15.68 -2.79
N VAL A 54 9.69 15.74 -3.88
CA VAL A 54 8.28 15.37 -3.87
C VAL A 54 7.92 14.49 -5.08
N ALA A 55 6.92 13.63 -4.91
CA ALA A 55 6.35 12.90 -6.03
C ALA A 55 5.11 13.62 -6.57
N VAL A 56 5.00 13.68 -7.89
CA VAL A 56 3.93 14.38 -8.58
C VAL A 56 3.26 13.45 -9.60
N LYS A 57 1.98 13.19 -9.38
CA LYS A 57 1.17 12.35 -10.23
C LYS A 57 0.37 13.27 -11.13
N ILE A 58 0.48 13.05 -12.44
CA ILE A 58 -0.04 14.00 -13.42
C ILE A 58 -1.00 13.34 -14.39
N LEU A 59 -2.21 13.88 -14.50
CA LEU A 59 -3.19 13.38 -15.47
C LEU A 59 -2.81 13.79 -16.89
N ARG A 60 -2.73 12.81 -17.78
CA ARG A 60 -2.51 13.06 -19.21
C ARG A 60 -3.48 14.14 -19.78
N PRO A 61 -2.96 15.15 -20.50
CA PRO A 61 -3.80 16.15 -21.18
C PRO A 61 -4.92 15.61 -22.07
N ASP A 62 -4.70 14.49 -22.75
CA ASP A 62 -5.73 13.92 -23.64
C ASP A 62 -6.67 12.95 -22.92
N ALA A 63 -6.75 13.06 -21.59
CA ALA A 63 -7.54 12.13 -20.76
C ALA A 63 -9.03 12.24 -21.06
N THR A 64 -9.74 11.11 -20.90
CA THR A 64 -11.18 11.09 -21.12
C THR A 64 -11.93 11.79 -19.98
N LYS A 65 -13.20 12.08 -20.19
CA LYS A 65 -14.06 12.64 -19.14
C LYS A 65 -14.05 11.78 -17.88
N ASN A 66 -14.10 10.46 -18.06
CA ASN A 66 -14.08 9.50 -16.95
C ASN A 66 -12.76 9.44 -16.19
N ALA A 67 -11.66 9.38 -16.94
CA ALA A 67 -10.33 9.36 -16.37
C ALA A 67 -10.11 10.61 -15.54
N ARG A 68 -10.54 11.75 -16.09
CA ARG A 68 -10.44 13.03 -15.42
C ARG A 68 -11.24 13.02 -14.13
N ASN A 69 -12.43 12.43 -14.18
CA ASN A 69 -13.29 12.27 -13.01
C ASN A 69 -12.76 11.29 -11.97
N ASP A 70 -12.17 10.18 -12.41
CA ASP A 70 -11.48 9.26 -11.49
C ASP A 70 -10.32 9.95 -10.80
N PHE A 71 -9.59 10.75 -11.56
CA PHE A 71 -8.46 11.46 -11.02
C PHE A 71 -8.89 12.47 -9.94
N LEU A 72 -9.91 13.28 -10.24
CA LEU A 72 -10.45 14.24 -9.25
C LEU A 72 -11.07 13.57 -8.03
N LYS A 73 -11.65 12.37 -8.18
CA LYS A 73 -12.12 11.59 -7.04
C LYS A 73 -10.93 11.23 -6.15
N GLU A 74 -9.82 10.84 -6.75
CA GLU A 74 -8.63 10.47 -5.99
C GLU A 74 -8.05 11.69 -5.26
N VAL A 75 -8.10 12.86 -5.90
CA VAL A 75 -7.70 14.10 -5.22
C VAL A 75 -8.53 14.33 -3.95
N LYS A 76 -9.85 14.22 -4.07
CA LYS A 76 -10.74 14.47 -2.93
C LYS A 76 -10.40 13.48 -1.80
N ILE A 77 -10.30 12.19 -2.15
CA ILE A 77 -9.89 11.14 -1.21
C ILE A 77 -8.55 11.44 -0.53
N MET A 78 -7.52 11.71 -1.32
CA MET A 78 -6.20 12.04 -0.81
C MET A 78 -6.21 13.24 0.14
N SER A 79 -7.03 14.25 -0.17
CA SER A 79 -7.10 15.45 0.68
CA SER A 79 -7.10 15.45 0.68
C SER A 79 -7.61 15.12 2.08
N ARG A 80 -8.46 14.11 2.20
CA ARG A 80 -8.98 13.68 3.50
C ARG A 80 -7.94 12.91 4.32
N LEU A 81 -7.21 11.98 3.68
CA LEU A 81 -6.35 11.06 4.42
C LEU A 81 -5.19 11.77 5.14
N LYS A 82 -5.32 11.89 6.45
CA LYS A 82 -4.28 12.46 7.27
C LYS A 82 -4.04 11.47 8.40
N ASP A 83 -2.96 10.71 8.28
CA ASP A 83 -2.64 9.65 9.24
C ASP A 83 -1.17 9.32 9.04
N PRO A 84 -0.43 9.03 10.14
CA PRO A 84 1.01 8.73 10.05
C PRO A 84 1.39 7.59 9.10
N ASN A 85 0.47 6.66 8.84
CA ASN A 85 0.77 5.49 8.02
C ASN A 85 0.04 5.45 6.69
N ILE A 86 -0.36 6.63 6.19
CA ILE A 86 -0.92 6.77 4.86
C ILE A 86 -0.09 7.83 4.17
N ILE A 87 0.28 7.60 2.92
CA ILE A 87 0.94 8.62 2.12
C ILE A 87 0.15 9.94 2.25
N ARG A 88 0.85 11.05 2.38
CA ARG A 88 0.21 12.35 2.62
C ARG A 88 0.17 13.24 1.37
N LEU A 89 -0.98 13.80 1.07
CA LEU A 89 -1.09 14.84 0.04
C LEU A 89 -0.51 16.17 0.51
N LEU A 90 0.59 16.62 -0.11
CA LEU A 90 1.17 17.92 0.20
C LEU A 90 0.47 19.05 -0.52
N GLY A 91 -0.10 18.77 -1.69
CA GLY A 91 -0.74 19.80 -2.48
C GLY A 91 -1.29 19.30 -3.80
N VAL A 92 -1.97 20.19 -4.51
CA VAL A 92 -2.54 19.86 -5.80
C VAL A 92 -2.31 21.01 -6.78
N CYS A 93 -2.51 20.71 -8.05
CA CYS A 93 -2.59 21.72 -9.11
C CYS A 93 -3.82 21.37 -9.92
N VAL A 94 -4.96 22.00 -9.62
CA VAL A 94 -6.21 21.69 -10.32
C VAL A 94 -6.83 22.82 -11.13
N GLN A 95 -6.45 24.07 -10.89
CA GLN A 95 -7.01 25.18 -11.68
C GLN A 95 -6.83 24.96 -13.17
N ASP A 96 -5.61 24.70 -13.61
CA ASP A 96 -5.31 24.44 -15.01
C ASP A 96 -5.02 22.97 -15.21
N ASP A 97 -5.07 22.54 -16.46
CA ASP A 97 -4.51 21.27 -16.84
C ASP A 97 -3.02 21.50 -16.96
N PRO A 98 -2.20 20.47 -16.74
CA PRO A 98 -2.55 19.12 -16.30
C PRO A 98 -2.85 19.02 -14.81
N LEU A 99 -3.84 18.21 -14.46
CA LEU A 99 -4.18 18.02 -13.05
C LEU A 99 -3.02 17.30 -12.39
N CYS A 100 -2.69 17.70 -11.16
CA CYS A 100 -1.59 17.11 -10.41
C CYS A 100 -1.93 16.86 -8.95
N MET A 101 -1.30 15.81 -8.42
CA MET A 101 -1.29 15.51 -7.00
C MET A 101 0.17 15.39 -6.57
N ILE A 102 0.52 16.10 -5.51
CA ILE A 102 1.88 16.16 -5.01
C ILE A 102 1.95 15.50 -3.64
N THR A 103 2.85 14.51 -3.48
CA THR A 103 3.05 13.82 -2.21
C THR A 103 4.49 13.91 -1.72
N ASP A 104 4.67 13.56 -0.46
CA ASP A 104 5.99 13.30 0.12
C ASP A 104 6.73 12.23 -0.68
N TYR A 105 8.06 12.35 -0.77
CA TYR A 105 8.88 11.36 -1.45
C TYR A 105 9.65 10.51 -0.44
N MET A 106 9.49 9.20 -0.50
CA MET A 106 10.12 8.27 0.45
C MET A 106 11.34 7.68 -0.22
N GLU A 107 12.50 8.06 0.27
CA GLU A 107 13.75 7.70 -0.38
C GLU A 107 14.12 6.23 -0.23
N ASN A 108 13.52 5.51 0.72
CA ASN A 108 13.86 4.10 0.91
C ASN A 108 13.05 3.16 0.03
N GLY A 109 12.18 3.72 -0.82
CA GLY A 109 11.44 2.94 -1.79
C GLY A 109 10.33 2.12 -1.17
N ASP A 110 9.88 1.09 -1.89
CA ASP A 110 8.70 0.37 -1.44
C ASP A 110 9.13 -0.72 -0.44
N LEU A 111 8.18 -1.20 0.36
CA LEU A 111 8.49 -2.13 1.46
C LEU A 111 9.09 -3.43 0.95
N ASN A 112 8.65 -3.89 -0.21
CA ASN A 112 9.15 -5.11 -0.79
C ASN A 112 10.64 -4.97 -1.17
N GLN A 113 10.98 -3.90 -1.89
CA GLN A 113 12.37 -3.57 -2.19
C GLN A 113 13.20 -3.50 -0.90
N PHE A 114 12.69 -2.75 0.07
CA PHE A 114 13.34 -2.61 1.36
C PHE A 114 13.61 -3.92 2.10
N LEU A 115 12.58 -4.72 2.30
CA LEU A 115 12.77 -5.98 3.00
C LEU A 115 13.59 -7.01 2.23
N SER A 116 13.44 -7.02 0.91
CA SER A 116 14.24 -7.90 0.04
C SER A 116 15.74 -7.65 0.22
N ALA A 117 16.13 -6.41 0.55
CA ALA A 117 17.54 -6.08 0.79
C ALA A 117 18.04 -6.42 2.19
N HIS A 118 17.15 -6.86 3.07
CA HIS A 118 17.54 -7.17 4.44
C HIS A 118 17.59 -8.63 4.69
N GLN A 119 18.21 -9.01 5.79
CA GLN A 119 18.11 -10.38 6.30
C GLN A 119 17.69 -10.31 7.76
N LEU A 120 17.17 -11.41 8.25
CA LEU A 120 16.65 -11.49 9.60
C LEU A 120 17.76 -11.54 10.63
N GLU A 121 17.62 -10.74 11.69
CA GLU A 121 18.52 -10.78 12.85
C GLU A 121 18.28 -12.10 13.61
N ASP A 122 19.22 -13.04 13.54
CA ASP A 122 19.00 -14.42 14.01
C ASP A 122 18.68 -14.53 15.49
N PRO A 138 22.20 -6.18 5.44
CA PRO A 138 21.82 -5.46 6.65
C PRO A 138 20.59 -6.09 7.29
N THR A 139 20.57 -6.09 8.62
CA THR A 139 19.66 -6.93 9.36
C THR A 139 18.43 -6.18 9.81
N ILE A 140 17.35 -6.92 10.00
CA ILE A 140 16.13 -6.41 10.56
C ILE A 140 15.62 -7.43 11.59
N SER A 141 15.15 -6.95 12.73
CA SER A 141 14.71 -7.80 13.82
C SER A 141 13.23 -8.16 13.71
N TYR A 142 12.85 -9.25 14.36
CA TYR A 142 11.46 -9.68 14.46
C TYR A 142 10.55 -8.60 15.11
N PRO A 143 10.99 -7.98 16.23
CA PRO A 143 10.19 -6.87 16.76
C PRO A 143 9.94 -5.77 15.74
N MET A 144 10.94 -5.45 14.94
CA MET A 144 10.80 -4.43 13.90
C MET A 144 9.81 -4.85 12.83
N LEU A 145 9.85 -6.13 12.46
CA LEU A 145 8.85 -6.66 11.53
C LEU A 145 7.43 -6.50 12.08
N LEU A 146 7.22 -6.79 13.35
CA LEU A 146 5.90 -6.60 13.98
C LEU A 146 5.50 -5.14 13.97
N HIS A 147 6.49 -4.27 14.19
CA HIS A 147 6.23 -2.81 14.15
C HIS A 147 5.84 -2.35 12.74
N VAL A 148 6.52 -2.87 11.73
CA VAL A 148 6.11 -2.62 10.32
C VAL A 148 4.64 -3.01 10.07
N ALA A 149 4.30 -4.26 10.41
CA ALA A 149 2.97 -4.80 10.23
C ALA A 149 1.89 -4.08 11.03
N ALA A 150 2.17 -3.78 12.29
CA ALA A 150 1.32 -2.90 13.13
C ALA A 150 1.00 -1.55 12.45
N GLN A 151 2.00 -0.95 11.81
CA GLN A 151 1.77 0.33 11.12
C GLN A 151 0.82 0.19 9.91
N ILE A 152 0.96 -0.91 9.16
CA ILE A 152 0.08 -1.20 8.03
C ILE A 152 -1.37 -1.43 8.52
N ALA A 153 -1.51 -2.25 9.54
CA ALA A 153 -2.79 -2.47 10.20
C ALA A 153 -3.43 -1.17 10.68
N SER A 154 -2.61 -0.28 11.24
CA SER A 154 -3.12 1.00 11.78
C SER A 154 -3.57 1.91 10.64
N GLY A 155 -2.80 1.89 9.54
CA GLY A 155 -3.17 2.64 8.37
C GLY A 155 -4.47 2.10 7.76
N MET A 156 -4.61 0.77 7.79
CA MET A 156 -5.79 0.14 7.19
C MET A 156 -6.99 0.35 8.09
N ARG A 157 -6.74 0.41 9.39
CA ARG A 157 -7.84 0.68 10.30
C ARG A 157 -8.39 2.08 9.97
N TYR A 158 -7.50 3.05 9.86
CA TYR A 158 -7.92 4.41 9.49
C TYR A 158 -8.71 4.41 8.17
N LEU A 159 -8.17 3.75 7.16
CA LEU A 159 -8.88 3.66 5.89
C LEU A 159 -10.28 3.08 6.02
N ALA A 160 -10.36 1.90 6.64
CA ALA A 160 -11.63 1.21 6.82
C ALA A 160 -12.66 2.08 7.57
N THR A 161 -12.23 2.73 8.64
CA THR A 161 -13.14 3.57 9.41
C THR A 161 -13.56 4.84 8.66
N LEU A 162 -12.83 5.24 7.61
CA LEU A 162 -13.29 6.27 6.70
C LEU A 162 -14.06 5.66 5.51
N ASN A 163 -14.35 4.37 5.60
CA ASN A 163 -15.21 3.64 4.66
C ASN A 163 -14.59 3.48 3.28
N PHE A 164 -13.26 3.37 3.26
CA PHE A 164 -12.52 3.16 2.03
C PHE A 164 -12.02 1.73 1.94
N VAL A 165 -12.16 1.15 0.75
CA VAL A 165 -11.55 -0.15 0.46
C VAL A 165 -10.30 0.07 -0.38
N HIS A 166 -9.18 -0.54 0.02
CA HIS A 166 -7.92 -0.42 -0.72
C HIS A 166 -7.97 -1.18 -2.05
N ARG A 167 -8.15 -2.49 -1.97
CA ARG A 167 -8.24 -3.43 -3.11
C ARG A 167 -6.90 -4.00 -3.62
N ASP A 168 -5.76 -3.47 -3.17
CA ASP A 168 -4.45 -3.89 -3.66
C ASP A 168 -3.40 -3.74 -2.57
N LEU A 169 -3.72 -4.22 -1.38
CA LEU A 169 -2.79 -4.18 -0.29
C LEU A 169 -1.73 -5.28 -0.46
N ALA A 170 -0.48 -4.90 -0.28
CA ALA A 170 0.67 -5.75 -0.55
C ALA A 170 1.88 -4.92 -0.18
N THR A 171 3.02 -5.57 0.09
CA THR A 171 4.28 -4.83 0.43
C THR A 171 4.75 -3.90 -0.69
N ARG A 172 4.51 -4.27 -1.96
CA ARG A 172 4.84 -3.41 -3.11
C ARG A 172 4.14 -2.04 -3.11
N ASN A 173 3.04 -1.92 -2.36
CA ASN A 173 2.29 -0.68 -2.26
C ASN A 173 2.40 -0.01 -0.91
N CYS A 174 3.47 -0.34 -0.19
CA CYS A 174 3.80 0.35 1.04
C CYS A 174 5.14 1.03 0.83
N LEU A 175 5.28 2.21 1.39
CA LEU A 175 6.52 2.97 1.26
C LEU A 175 7.22 3.04 2.61
N VAL A 176 8.54 3.09 2.58
CA VAL A 176 9.34 3.19 3.78
C VAL A 176 9.93 4.59 3.87
N GLY A 177 9.52 5.33 4.89
CA GLY A 177 10.09 6.63 5.20
C GLY A 177 11.29 6.51 6.12
N GLU A 178 11.42 7.46 7.02
CA GLU A 178 12.51 7.50 7.99
C GLU A 178 12.10 6.78 9.27
N ASN A 179 13.11 6.26 9.97
CA ASN A 179 12.93 5.53 11.22
C ASN A 179 11.81 4.49 11.13
N PHE A 180 11.85 3.71 10.06
CA PHE A 180 10.96 2.57 9.85
C PHE A 180 9.47 2.91 9.80
N THR A 181 9.16 4.15 9.41
CA THR A 181 7.78 4.57 9.21
C THR A 181 7.27 4.04 7.89
N ILE A 182 6.11 3.39 7.94
CA ILE A 182 5.49 2.78 6.76
C ILE A 182 4.28 3.61 6.37
N LYS A 183 4.15 3.87 5.06
CA LYS A 183 2.99 4.55 4.49
C LYS A 183 2.35 3.66 3.46
N ILE A 184 1.07 3.39 3.66
CA ILE A 184 0.28 2.71 2.68
C ILE A 184 0.08 3.67 1.51
N ALA A 185 0.20 3.11 0.31
CA ALA A 185 0.03 3.87 -0.91
C ALA A 185 -0.78 3.08 -1.92
N ASP A 186 -1.13 3.76 -3.00
CA ASP A 186 -1.77 3.14 -4.15
C ASP A 186 -1.41 3.95 -5.41
N PHE A 187 -0.50 3.40 -6.21
CA PHE A 187 0.17 4.19 -7.24
C PHE A 187 -0.62 4.33 -8.55
N GLY A 188 -1.28 3.24 -8.97
CA GLY A 188 -1.92 3.19 -10.28
C GLY A 188 -0.95 3.14 -11.47
N MET A 189 0.31 2.77 -11.22
CA MET A 189 1.33 2.72 -12.27
C MET A 189 1.50 1.28 -12.69
N SER A 190 1.99 1.07 -13.90
CA SER A 190 2.34 -0.28 -14.28
C SER A 190 3.86 -0.41 -14.11
N ARG A 191 4.27 -1.21 -13.13
CA ARG A 191 5.68 -1.38 -12.81
C ARG A 191 6.10 -2.78 -13.23
N ASN A 192 7.03 -2.88 -14.17
CA ASN A 192 7.40 -4.18 -14.73
C ASN A 192 7.90 -5.11 -13.63
N LEU A 193 8.57 -4.54 -12.63
CA LEU A 193 9.06 -5.30 -11.49
C LEU A 193 7.97 -6.19 -10.82
N TYR A 194 6.72 -5.74 -10.82
CA TYR A 194 5.64 -6.48 -10.18
C TYR A 194 4.62 -7.05 -11.15
N ALA A 195 4.96 -7.13 -12.43
CA ALA A 195 4.01 -7.63 -13.44
C ALA A 195 3.52 -9.07 -13.13
N GLY A 196 4.39 -9.88 -12.57
CA GLY A 196 4.04 -11.28 -12.24
C GLY A 196 3.09 -11.40 -11.06
N ASP A 197 2.89 -10.30 -10.33
CA ASP A 197 1.91 -10.22 -9.26
C ASP A 197 0.49 -9.94 -9.72
N TYR A 198 0.30 -9.67 -11.01
CA TYR A 198 -1.02 -9.34 -11.54
C TYR A 198 -1.38 -10.28 -12.67
N TYR A 199 -2.65 -10.66 -12.73
CA TYR A 199 -3.16 -11.61 -13.71
C TYR A 199 -4.35 -11.05 -14.47
N ARG A 200 -4.30 -11.09 -15.80
CA ARG A 200 -5.40 -10.59 -16.64
C ARG A 200 -6.44 -11.68 -16.84
N VAL A 201 -7.66 -11.42 -16.37
CA VAL A 201 -8.77 -12.38 -16.43
C VAL A 201 -9.91 -11.82 -17.26
N VAL A 206 -7.24 -7.29 -14.99
CA VAL A 206 -5.92 -7.34 -14.37
C VAL A 206 -5.99 -7.23 -12.83
N LEU A 207 -5.60 -8.30 -12.14
CA LEU A 207 -5.97 -8.50 -10.75
C LEU A 207 -4.87 -9.18 -9.93
N PRO A 208 -4.63 -8.70 -8.69
CA PRO A 208 -3.59 -9.22 -7.82
C PRO A 208 -4.07 -10.48 -7.13
N ILE A 209 -4.28 -11.53 -7.91
CA ILE A 209 -5.00 -12.73 -7.45
C ILE A 209 -4.39 -13.44 -6.23
N ARG A 210 -3.07 -13.38 -6.07
CA ARG A 210 -2.45 -14.08 -4.95
C ARG A 210 -2.73 -13.40 -3.62
N TRP A 211 -3.14 -12.14 -3.65
CA TRP A 211 -3.51 -11.36 -2.45
C TRP A 211 -5.04 -11.28 -2.26
N MET A 212 -5.79 -11.88 -3.19
CA MET A 212 -7.23 -11.70 -3.21
C MET A 212 -7.98 -12.84 -2.49
N ALA A 213 -8.98 -12.45 -1.73
CA ALA A 213 -9.88 -13.36 -1.09
C ALA A 213 -10.65 -14.17 -2.12
N TRP A 214 -11.10 -15.35 -1.73
CA TRP A 214 -11.78 -16.25 -2.64
C TRP A 214 -13.01 -15.55 -3.23
N GLU A 215 -13.77 -14.85 -2.40
CA GLU A 215 -14.99 -14.23 -2.88
C GLU A 215 -14.70 -13.15 -3.94
N CYS A 216 -13.56 -12.47 -3.84
CA CYS A 216 -13.14 -11.50 -4.87
C CYS A 216 -12.90 -12.20 -6.18
N ILE A 217 -12.15 -13.29 -6.13
CA ILE A 217 -11.82 -14.04 -7.32
C ILE A 217 -13.10 -14.64 -7.93
N LEU A 218 -13.97 -15.20 -7.09
CA LEU A 218 -15.13 -15.99 -7.58
C LEU A 218 -16.37 -15.16 -7.94
N MET A 219 -16.37 -13.91 -7.48
N MET A 219 -16.36 -13.88 -7.66
CA MET A 219 -17.53 -13.03 -7.56
CA MET A 219 -16.98 -12.88 -8.57
C MET A 219 -17.21 -11.53 -7.83
C MET A 219 -17.15 -11.55 -7.87
N GLY A 220 -16.02 -11.04 -7.44
CA GLY A 220 -15.75 -9.60 -7.45
C GLY A 220 -16.34 -8.81 -6.31
N LYS A 221 -16.58 -9.45 -5.16
CA LYS A 221 -16.98 -8.72 -3.97
C LYS A 221 -15.72 -8.24 -3.21
N PHE A 222 -15.40 -6.94 -3.37
CA PHE A 222 -14.29 -6.28 -2.62
C PHE A 222 -14.82 -5.50 -1.41
N THR A 223 -14.22 -5.77 -0.24
CA THR A 223 -14.67 -5.21 1.02
C THR A 223 -13.47 -5.06 1.94
N THR A 224 -13.69 -4.44 3.09
CA THR A 224 -12.70 -4.36 4.15
C THR A 224 -12.31 -5.78 4.57
N ALA A 225 -13.28 -6.70 4.49
CA ALA A 225 -13.02 -8.11 4.80
C ALA A 225 -12.00 -8.74 3.83
N SER A 226 -12.09 -8.39 2.55
CA SER A 226 -11.10 -8.80 1.57
C SER A 226 -9.77 -8.04 1.75
N ASP A 227 -9.80 -6.79 2.21
CA ASP A 227 -8.54 -6.11 2.62
C ASP A 227 -7.86 -6.84 3.80
N VAL A 228 -8.63 -7.36 4.75
CA VAL A 228 -8.06 -8.18 5.84
C VAL A 228 -7.38 -9.45 5.32
N TRP A 229 -8.02 -10.10 4.35
CA TRP A 229 -7.44 -11.26 3.70
C TRP A 229 -6.09 -10.86 3.10
N ALA A 230 -6.07 -9.75 2.34
CA ALA A 230 -4.83 -9.22 1.77
C ALA A 230 -3.80 -8.83 2.83
N PHE A 231 -4.27 -8.30 3.94
CA PHE A 231 -3.37 -7.95 5.01
C PHE A 231 -2.67 -9.19 5.50
N GLY A 232 -3.43 -10.28 5.65
CA GLY A 232 -2.84 -11.56 6.02
C GLY A 232 -1.71 -11.98 5.10
N VAL A 233 -1.94 -11.90 3.78
CA VAL A 233 -0.88 -12.26 2.82
C VAL A 233 0.30 -11.28 2.92
N THR A 234 0.00 -10.01 3.19
CA THR A 234 1.00 -8.98 3.33
C THR A 234 1.84 -9.23 4.57
N LEU A 235 1.18 -9.63 5.66
CA LEU A 235 1.89 -10.04 6.87
C LEU A 235 2.84 -11.20 6.61
N TRP A 236 2.39 -12.14 5.78
CA TRP A 236 3.23 -13.27 5.33
C TRP A 236 4.45 -12.78 4.53
N GLU A 237 4.26 -11.86 3.59
CA GLU A 237 5.41 -11.31 2.86
C GLU A 237 6.46 -10.75 3.82
N VAL A 238 6.01 -9.90 4.74
CA VAL A 238 6.87 -9.23 5.69
C VAL A 238 7.68 -10.24 6.50
N LEU A 239 6.99 -11.19 7.11
CA LEU A 239 7.64 -12.25 7.86
C LEU A 239 8.50 -13.15 7.00
N MET A 240 8.25 -13.20 5.69
CA MET A 240 9.16 -13.87 4.75
C MET A 240 10.30 -12.97 4.28
N LEU A 241 10.35 -11.72 4.77
CA LEU A 241 11.22 -10.68 4.16
C LEU A 241 11.14 -10.64 2.63
N CYS A 242 9.95 -10.86 2.10
CA CYS A 242 9.70 -10.65 0.65
C CYS A 242 10.59 -11.51 -0.25
N ARG A 243 10.94 -12.69 0.25
CA ARG A 243 11.79 -13.63 -0.49
C ARG A 243 11.00 -14.60 -1.35
N ALA A 244 9.68 -14.67 -1.21
CA ALA A 244 8.91 -15.52 -2.12
C ALA A 244 7.55 -14.94 -2.43
N GLN A 245 7.12 -15.16 -3.66
CA GLN A 245 5.81 -14.74 -4.11
C GLN A 245 4.82 -15.64 -3.40
N PRO A 246 3.79 -15.05 -2.77
CA PRO A 246 2.76 -15.88 -2.13
C PRO A 246 2.19 -16.92 -3.10
N PHE A 247 2.07 -18.16 -2.63
CA PHE A 247 1.59 -19.28 -3.46
C PHE A 247 2.48 -19.53 -4.67
N GLY A 248 3.77 -19.26 -4.57
CA GLY A 248 4.69 -19.53 -5.68
C GLY A 248 4.71 -20.98 -6.14
N GLN A 249 4.21 -21.88 -5.30
CA GLN A 249 4.06 -23.26 -5.70
C GLN A 249 2.86 -23.49 -6.64
N LEU A 250 1.97 -22.50 -6.78
CA LEU A 250 0.80 -22.58 -7.66
C LEU A 250 0.95 -21.62 -8.84
N THR A 251 0.61 -22.10 -10.04
CA THR A 251 0.51 -21.21 -11.19
C THR A 251 -0.68 -20.27 -10.99
N ASP A 252 -0.78 -19.27 -11.84
CA ASP A 252 -1.87 -18.29 -11.73
C ASP A 252 -3.23 -18.97 -11.82
N GLU A 253 -3.35 -19.94 -12.72
CA GLU A 253 -4.61 -20.63 -12.91
C GLU A 253 -4.92 -21.47 -11.68
N GLN A 254 -3.89 -22.08 -11.11
CA GLN A 254 -4.05 -22.88 -9.92
C GLN A 254 -4.37 -22.04 -8.68
N VAL A 255 -3.94 -20.77 -8.66
CA VAL A 255 -4.31 -19.85 -7.57
C VAL A 255 -5.82 -19.64 -7.63
N ILE A 256 -6.36 -19.48 -8.83
CA ILE A 256 -7.81 -19.37 -9.04
C ILE A 256 -8.54 -20.62 -8.62
N GLU A 257 -8.02 -21.77 -9.01
CA GLU A 257 -8.58 -23.06 -8.58
C GLU A 257 -8.55 -23.23 -7.05
N ASN A 258 -7.48 -22.79 -6.43
CA ASN A 258 -7.36 -22.79 -4.99
C ASN A 258 -8.45 -21.97 -4.27
N ALA A 259 -8.82 -20.83 -4.85
CA ALA A 259 -9.91 -19.99 -4.36
C ALA A 259 -11.20 -20.79 -4.34
N GLY A 260 -11.37 -21.62 -5.36
CA GLY A 260 -12.50 -22.54 -5.45
C GLY A 260 -12.54 -23.55 -4.31
N GLU A 261 -11.37 -23.98 -3.86
CA GLU A 261 -11.28 -24.89 -2.72
C GLU A 261 -11.51 -24.19 -1.37
N PHE A 262 -11.24 -22.89 -1.29
CA PHE A 262 -11.68 -22.11 -0.10
C PHE A 262 -13.19 -22.05 -0.04
N PHE A 263 -13.83 -21.74 -1.17
CA PHE A 263 -15.27 -21.77 -1.22
C PHE A 263 -15.80 -23.15 -0.83
N ARG A 264 -15.05 -24.18 -1.19
CA ARG A 264 -15.42 -25.57 -0.92
C ARG A 264 -15.28 -25.85 0.58
N ASP A 265 -14.19 -25.36 1.16
CA ASP A 265 -14.02 -25.40 2.62
C ASP A 265 -14.14 -26.85 3.14
N GLN A 266 -13.71 -27.80 2.31
CA GLN A 266 -13.58 -29.21 2.70
C GLN A 266 -12.13 -29.49 3.12
N GLY A 267 -11.37 -28.43 3.43
CA GLY A 267 -9.97 -28.57 3.84
C GLY A 267 -8.96 -28.99 2.76
N ARG A 268 -9.38 -28.96 1.50
CA ARG A 268 -8.50 -29.35 0.39
C ARG A 268 -7.55 -28.20 -0.01
N GLN A 269 -7.91 -26.97 0.34
CA GLN A 269 -7.20 -25.78 -0.10
C GLN A 269 -5.75 -25.67 0.42
N VAL A 270 -4.94 -24.92 -0.31
CA VAL A 270 -3.56 -24.57 0.10
C VAL A 270 -3.58 -23.25 0.88
N TYR A 271 -2.98 -23.27 2.06
CA TYR A 271 -2.80 -22.10 2.91
C TYR A 271 -1.34 -21.75 2.78
N LEU A 272 -1.00 -20.46 2.82
CA LEU A 272 0.40 -20.07 2.96
C LEU A 272 0.95 -20.71 4.25
N SER A 273 2.13 -21.27 4.13
CA SER A 273 2.84 -21.92 5.21
C SER A 273 3.36 -20.91 6.23
N ARG A 274 3.54 -21.37 7.46
CA ARG A 274 4.10 -20.56 8.54
C ARG A 274 5.54 -20.17 8.21
N PRO A 275 5.81 -18.86 8.07
CA PRO A 275 7.21 -18.48 7.94
C PRO A 275 8.04 -18.94 9.15
N PRO A 276 9.31 -19.31 8.94
CA PRO A 276 10.23 -19.61 10.04
C PRO A 276 10.19 -18.63 11.22
N ALA A 277 10.14 -17.33 10.93
CA ALA A 277 10.14 -16.32 12.01
C ALA A 277 8.83 -16.21 12.77
N CYS A 278 7.73 -16.68 12.19
CA CYS A 278 6.39 -16.47 12.73
C CYS A 278 6.04 -17.46 13.85
N PRO A 279 5.72 -16.97 15.07
CA PRO A 279 5.22 -17.94 16.03
C PRO A 279 3.78 -18.36 15.74
N GLN A 280 3.37 -19.43 16.39
CA GLN A 280 2.10 -20.10 16.09
C GLN A 280 0.90 -19.18 16.24
N GLY A 281 0.89 -18.34 17.27
CA GLY A 281 -0.23 -17.44 17.53
C GLY A 281 -0.39 -16.39 16.46
N LEU A 282 0.72 -15.86 15.97
CA LEU A 282 0.67 -14.92 14.87
C LEU A 282 0.22 -15.60 13.56
N TYR A 283 0.74 -16.80 13.30
CA TYR A 283 0.29 -17.58 12.18
C TYR A 283 -1.24 -17.84 12.22
N GLU A 284 -1.76 -18.15 13.40
CA GLU A 284 -3.18 -18.43 13.50
C GLU A 284 -4.01 -17.17 13.31
N LEU A 285 -3.47 -16.02 13.69
CA LEU A 285 -4.10 -14.76 13.30
C LEU A 285 -4.20 -14.62 11.78
N MET A 286 -3.11 -14.93 11.09
CA MET A 286 -3.12 -14.90 9.63
C MET A 286 -4.20 -15.83 9.09
N LEU A 287 -4.22 -17.06 9.60
CA LEU A 287 -5.25 -18.03 9.23
C LEU A 287 -6.66 -17.45 9.36
N ARG A 288 -6.92 -16.68 10.43
CA ARG A 288 -8.27 -16.11 10.60
C ARG A 288 -8.53 -15.02 9.56
N CYS A 289 -7.47 -14.31 9.14
CA CYS A 289 -7.60 -13.40 8.02
C CYS A 289 -8.06 -14.13 6.77
N TRP A 290 -7.81 -15.44 6.71
CA TRP A 290 -8.21 -16.23 5.56
C TRP A 290 -9.45 -17.11 5.80
N SER A 291 -10.21 -16.77 6.84
CA SER A 291 -11.44 -17.47 7.13
C SER A 291 -12.34 -17.35 5.89
N ARG A 292 -13.05 -18.43 5.62
CA ARG A 292 -13.94 -18.46 4.49
C ARG A 292 -15.04 -17.38 4.60
N GLU A 293 -15.64 -17.27 5.78
CA GLU A 293 -16.68 -16.26 6.01
C GLU A 293 -16.02 -14.94 6.35
N SER A 294 -16.44 -13.88 5.66
CA SER A 294 -15.91 -12.53 5.87
C SER A 294 -16.08 -12.07 7.33
N GLU A 295 -17.23 -12.33 7.93
CA GLU A 295 -17.53 -11.90 9.30
C GLU A 295 -16.68 -12.56 10.38
N GLN A 296 -15.98 -13.64 10.05
CA GLN A 296 -15.06 -14.25 11.01
C GLN A 296 -13.63 -13.75 10.90
N ARG A 297 -13.37 -12.94 9.89
CA ARG A 297 -12.06 -12.35 9.72
C ARG A 297 -11.99 -11.19 10.68
N PRO A 298 -10.84 -11.02 11.32
CA PRO A 298 -10.79 -10.01 12.35
C PRO A 298 -10.71 -8.57 11.76
N PRO A 299 -11.36 -7.60 12.42
CA PRO A 299 -11.24 -6.21 11.99
C PRO A 299 -9.82 -5.64 12.21
N PHE A 300 -9.49 -4.60 11.45
CA PHE A 300 -8.16 -4.00 11.50
C PHE A 300 -7.81 -3.43 12.88
N SER A 301 -8.80 -2.92 13.60
CA SER A 301 -8.58 -2.50 14.99
C SER A 301 -8.02 -3.67 15.82
N GLN A 302 -8.55 -4.87 15.60
CA GLN A 302 -8.10 -6.09 16.31
C GLN A 302 -6.73 -6.55 15.83
N LEU A 303 -6.51 -6.49 14.51
CA LEU A 303 -5.22 -6.86 13.95
C LEU A 303 -4.13 -5.91 14.48
N HIS A 304 -4.46 -4.62 14.54
CA HIS A 304 -3.50 -3.65 15.04
C HIS A 304 -3.19 -3.85 16.52
N ARG A 305 -4.24 -3.97 17.31
CA ARG A 305 -4.07 -4.20 18.73
C ARG A 305 -3.22 -5.47 18.98
N PHE A 306 -3.48 -6.52 18.23
CA PHE A 306 -2.77 -7.78 18.44
C PHE A 306 -1.29 -7.66 18.05
N LEU A 307 -0.97 -6.92 16.98
CA LEU A 307 0.42 -6.74 16.59
C LEU A 307 1.13 -5.78 17.53
N ALA A 308 0.49 -4.67 17.89
CA ALA A 308 1.12 -3.66 18.76
C ALA A 308 1.21 -4.13 20.22
N GLU A 309 0.25 -4.94 20.66
CA GLU A 309 0.27 -5.43 22.04
C GLU A 309 0.68 -6.89 22.15
N ASP A 310 -0.25 -7.82 21.88
CA ASP A 310 -0.04 -9.24 22.19
C ASP A 310 1.25 -9.79 21.59
N ALA A 311 1.44 -9.58 20.28
CA ALA A 311 2.62 -10.12 19.59
C ALA A 311 3.92 -9.49 20.11
N LEU A 312 3.90 -8.17 20.32
CA LEU A 312 5.04 -7.42 20.80
C LEU A 312 5.38 -7.77 22.25
N ASN A 313 4.34 -8.03 23.04
CA ASN A 313 4.49 -8.36 24.45
C ASN A 313 4.91 -9.79 24.72
N THR A 314 4.98 -10.62 23.68
CA THR A 314 5.31 -12.03 23.87
C THR A 314 6.54 -12.43 23.08
N VAL A 315 7.33 -11.42 22.69
CA VAL A 315 8.66 -11.69 22.16
C VAL A 315 9.49 -12.44 23.21
#